data_2YAA
#
_entry.id   2YAA
#
_cell.length_a   63.100
_cell.length_b   86.020
_cell.length_c   124.420
_cell.angle_alpha   90.00
_cell.angle_beta   90.00
_cell.angle_gamma   90.00
#
_symmetry.space_group_name_H-M   'P 21 21 21'
#
loop_
_entity.id
_entity.type
_entity.pdbx_description
1 polymer 'DEATH-ASSOCIATED PROTEIN KINASE 2'
2 non-polymer "ADENOSINE-5'-TRIPHOSPHATE"
3 non-polymer 'SULFATE ION'
4 non-polymer 'CALCIUM ION'
5 water water
#
_entity_poly.entity_id   1
_entity_poly.type   'polypeptide(L)'
_entity_poly.pdbx_seq_one_letter_code
;GMETFKQQKVEDFYDIGEELGSGQFAIVKKCREKSTGLEYAAKFIKKRQSRASRRGVCREEIEREVSILRQVLHPNIITL
HDVYENRTDVVLILELVSGGELFDFLAQKESLSEEEATSFIKQILDGVNYLHTKKIAHFDLKPENIMLLDKNIPIPHIKL
IDFGLAHEIEDGVEFKNIFGTPEFVAPEIVNYEPLGLEADMWSIGVITYILLSGASPFLGDTKQETLANITAVSYDFDEE
FFSQTSELAKDFIRKLLVKETRKRLTIQEALRHPWITPVDTQQAMVRRESVVNLENFKKQYVRRRWKLSFSIVSLCNHLT
RSLMKKVHLRTSEDLRNCESDTEENIARRKALHPRRRSSTS
;
_entity_poly.pdbx_strand_id   A,B
#
# COMPACT_ATOMS: atom_id res chain seq x y z
N GLU A 3 18.85 -7.02 24.30
CA GLU A 3 17.63 -7.44 23.63
C GLU A 3 17.33 -8.91 23.92
N THR A 4 16.90 -9.65 22.90
CA THR A 4 16.54 -11.05 23.05
C THR A 4 16.86 -11.87 21.80
N PHE A 5 17.07 -11.19 20.68
CA PHE A 5 17.33 -11.87 19.40
C PHE A 5 18.67 -12.58 19.41
N LYS A 6 18.64 -13.89 19.19
CA LYS A 6 19.86 -14.68 19.08
C LYS A 6 20.72 -14.18 17.93
N GLN A 7 21.95 -13.75 18.24
CA GLN A 7 22.85 -13.24 17.20
C GLN A 7 23.69 -14.36 16.61
N GLN A 8 23.02 -15.42 16.15
CA GLN A 8 23.71 -16.57 15.60
C GLN A 8 23.18 -16.95 14.21
N LYS A 9 23.91 -17.81 13.52
CA LYS A 9 23.45 -18.33 12.24
C LYS A 9 22.33 -19.35 12.50
N VAL A 10 21.15 -19.06 12.00
CA VAL A 10 20.01 -19.95 12.23
C VAL A 10 20.25 -21.30 11.56
N GLU A 11 20.97 -21.30 10.45
CA GLU A 11 21.27 -22.54 9.73
C GLU A 11 22.25 -23.44 10.49
N ASP A 12 22.91 -22.89 11.50
CA ASP A 12 23.76 -23.70 12.36
C ASP A 12 22.91 -24.58 13.26
N PHE A 13 21.66 -24.18 13.45
CA PHE A 13 20.77 -24.85 14.39
C PHE A 13 19.51 -25.43 13.73
N TYR A 14 19.21 -24.99 12.52
CA TYR A 14 18.06 -25.49 11.78
C TYR A 14 18.45 -25.92 10.38
N ASP A 15 17.94 -27.06 9.95
CA ASP A 15 17.98 -27.42 8.54
C ASP A 15 16.86 -26.66 7.85
N ILE A 16 17.23 -25.78 6.92
CA ILE A 16 16.24 -24.97 6.23
C ILE A 16 15.62 -25.71 5.05
N GLY A 17 14.29 -25.75 5.01
CA GLY A 17 13.58 -26.51 4.00
C GLY A 17 12.90 -25.67 2.93
N GLU A 18 11.84 -26.21 2.36
CA GLU A 18 11.16 -25.60 1.22
C GLU A 18 10.24 -24.43 1.63
N GLU A 19 10.00 -23.54 0.69
CA GLU A 19 9.23 -22.33 0.94
C GLU A 19 7.76 -22.60 1.25
N LEU A 20 7.29 -22.06 2.37
CA LEU A 20 5.88 -22.15 2.75
C LEU A 20 5.05 -21.10 2.03
N GLY A 21 5.50 -19.85 2.12
CA GLY A 21 4.82 -18.74 1.50
C GLY A 21 5.70 -17.51 1.61
N SER A 22 5.29 -16.43 0.96
CA SER A 22 6.04 -15.19 1.03
C SER A 22 5.12 -13.99 1.18
N GLY A 23 5.69 -12.87 1.58
CA GLY A 23 4.94 -11.64 1.75
C GLY A 23 5.73 -10.46 1.23
N GLN A 24 5.39 -9.28 1.73
CA GLN A 24 6.02 -8.04 1.28
C GLN A 24 7.52 -8.01 1.60
N PHE A 25 7.85 -8.28 2.85
CA PHE A 25 9.23 -8.17 3.31
C PHE A 25 9.71 -9.45 3.99
N ALA A 26 8.83 -10.44 4.05
CA ALA A 26 9.17 -11.71 4.68
C ALA A 26 9.11 -12.85 3.69
N ILE A 27 9.89 -13.89 3.96
CA ILE A 27 9.81 -15.16 3.24
C ILE A 27 9.84 -16.27 4.27
N VAL A 28 8.86 -17.17 4.18
CA VAL A 28 8.65 -18.18 5.20
C VAL A 28 8.98 -19.57 4.68
N LYS A 29 9.79 -20.31 5.43
CA LYS A 29 10.20 -21.65 5.01
C LYS A 29 10.05 -22.69 6.13
N LYS A 30 9.87 -23.95 5.74
CA LYS A 30 9.91 -25.05 6.69
C LYS A 30 11.32 -25.15 7.24
N CYS A 31 11.44 -25.62 8.48
CA CYS A 31 12.75 -25.83 9.09
C CYS A 31 12.66 -26.89 10.17
N ARG A 32 13.80 -27.54 10.43
CA ARG A 32 13.87 -28.54 11.49
C ARG A 32 15.04 -28.21 12.42
N GLU A 33 14.76 -28.10 13.71
CA GLU A 33 15.81 -27.82 14.68
C GLU A 33 16.68 -29.06 14.88
N LYS A 34 17.96 -28.92 14.58
CA LYS A 34 18.91 -30.03 14.59
C LYS A 34 18.90 -30.82 15.90
N SER A 35 18.79 -30.11 17.01
CA SER A 35 18.96 -30.72 18.32
C SER A 35 17.72 -31.47 18.82
N THR A 36 16.59 -31.28 18.15
CA THR A 36 15.35 -31.89 18.60
C THR A 36 14.65 -32.67 17.48
N GLY A 37 14.99 -32.34 16.24
CA GLY A 37 14.34 -32.96 15.09
C GLY A 37 12.93 -32.45 14.90
N LEU A 38 12.57 -31.41 15.65
CA LEU A 38 11.24 -30.81 15.56
C LEU A 38 11.12 -29.78 14.42
N GLU A 39 10.01 -29.85 13.69
CA GLU A 39 9.78 -28.97 12.55
C GLU A 39 9.08 -27.66 12.92
N TYR A 40 9.51 -26.56 12.29
CA TYR A 40 8.93 -25.25 12.52
C TYR A 40 8.82 -24.50 11.20
N ALA A 41 8.30 -23.27 11.28
CA ALA A 41 8.29 -22.38 10.13
C ALA A 41 9.23 -21.21 10.42
N ALA A 42 10.19 -20.97 9.54
CA ALA A 42 11.13 -19.88 9.71
C ALA A 42 10.75 -18.68 8.85
N LYS A 43 10.34 -17.60 9.51
CA LYS A 43 9.92 -16.40 8.82
C LYS A 43 11.08 -15.41 8.75
N PHE A 44 11.69 -15.29 7.56
CA PHE A 44 12.81 -14.38 7.35
C PHE A 44 12.28 -12.99 7.02
N ILE A 45 12.40 -12.08 7.98
CA ILE A 45 11.97 -10.70 7.77
C ILE A 45 13.14 -9.81 7.40
N LYS A 46 13.10 -9.29 6.17
CA LYS A 46 14.12 -8.38 5.68
C LYS A 46 14.13 -7.10 6.52
N LYS A 47 15.30 -6.75 7.05
CA LYS A 47 15.42 -5.52 7.82
C LYS A 47 15.54 -4.31 6.90
N ARG A 48 14.87 -3.22 7.28
CA ARG A 48 14.92 -1.98 6.52
C ARG A 48 16.27 -1.31 6.71
N GLN A 49 16.88 -0.88 5.62
CA GLN A 49 18.24 -0.33 5.63
C GLN A 49 18.31 1.18 5.92
N SER A 50 17.27 1.91 5.51
CA SER A 50 17.21 3.35 5.77
C SER A 50 15.78 3.79 6.08
N ARG A 51 15.65 4.94 6.73
CA ARG A 51 14.33 5.46 7.13
C ARG A 51 13.38 5.67 5.95
N ALA A 52 13.92 6.14 4.83
CA ALA A 52 13.09 6.46 3.67
C ALA A 52 13.05 5.33 2.65
N SER A 53 13.09 4.09 3.13
CA SER A 53 13.03 2.94 2.25
C SER A 53 11.68 2.22 2.35
N ARG A 54 11.16 1.79 1.21
CA ARG A 54 9.91 1.04 1.18
C ARG A 54 10.18 -0.46 1.18
N ARG A 55 11.47 -0.81 1.24
CA ARG A 55 11.88 -2.21 1.31
C ARG A 55 12.20 -2.63 2.74
N GLY A 56 11.71 -3.81 3.12
CA GLY A 56 12.03 -4.37 4.43
C GLY A 56 11.23 -3.81 5.58
N VAL A 57 11.68 -4.08 6.80
CA VAL A 57 10.98 -3.65 8.00
C VAL A 57 11.96 -3.08 9.02
N CYS A 58 11.62 -1.92 9.59
CA CYS A 58 12.47 -1.32 10.61
C CYS A 58 12.46 -2.18 11.86
N ARG A 59 13.57 -2.14 12.61
CA ARG A 59 13.76 -3.04 13.74
C ARG A 59 12.70 -2.90 14.82
N GLU A 60 12.37 -1.67 15.19
CA GLU A 60 11.39 -1.42 16.24
C GLU A 60 10.06 -2.14 15.99
N GLU A 61 9.60 -2.16 14.74
CA GLU A 61 8.34 -2.84 14.41
C GLU A 61 8.50 -4.35 14.50
N ILE A 62 9.63 -4.88 14.03
CA ILE A 62 9.92 -6.29 14.18
C ILE A 62 9.92 -6.65 15.67
N GLU A 63 10.59 -5.82 16.47
CA GLU A 63 10.61 -5.98 17.92
C GLU A 63 9.20 -5.99 18.48
N ARG A 64 8.33 -5.17 17.89
CA ARG A 64 6.96 -5.08 18.35
C ARG A 64 6.23 -6.38 18.06
N GLU A 65 6.45 -6.92 16.86
CA GLU A 65 5.81 -8.18 16.47
C GLU A 65 6.23 -9.32 17.40
N VAL A 66 7.50 -9.34 17.77
CA VAL A 66 8.04 -10.37 18.66
C VAL A 66 7.48 -10.24 20.07
N SER A 67 7.59 -9.05 20.64
CA SER A 67 7.04 -8.75 21.95
C SER A 67 5.58 -9.20 22.09
N ILE A 68 4.83 -9.10 21.01
CA ILE A 68 3.44 -9.52 21.01
C ILE A 68 3.35 -11.04 20.89
N LEU A 69 4.15 -11.62 20.00
CA LEU A 69 4.13 -13.07 19.81
C LEU A 69 4.52 -13.82 21.10
N ARG A 70 5.48 -13.27 21.84
CA ARG A 70 5.94 -13.92 23.06
C ARG A 70 4.85 -14.01 24.13
N GLN A 71 3.87 -13.11 24.06
CA GLN A 71 2.77 -13.09 25.03
C GLN A 71 1.69 -14.14 24.74
N VAL A 72 1.58 -14.55 23.48
CA VAL A 72 0.39 -15.28 23.04
C VAL A 72 0.53 -16.80 23.09
N LEU A 73 -0.30 -17.41 23.93
CA LEU A 73 -0.39 -18.87 24.00
C LEU A 73 -1.85 -19.30 24.03
N HIS A 74 -2.32 -19.84 22.92
CA HIS A 74 -3.73 -20.19 22.76
C HIS A 74 -3.85 -21.13 21.57
N PRO A 75 -4.68 -22.18 21.70
CA PRO A 75 -4.79 -23.21 20.66
C PRO A 75 -5.14 -22.67 19.28
N ASN A 76 -5.73 -21.48 19.20
CA ASN A 76 -6.12 -20.91 17.91
C ASN A 76 -5.19 -19.82 17.40
N ILE A 77 -4.03 -19.70 18.04
CA ILE A 77 -3.04 -18.72 17.62
C ILE A 77 -1.68 -19.39 17.44
N ILE A 78 -0.92 -19.00 16.42
CA ILE A 78 0.41 -19.54 16.24
C ILE A 78 1.28 -19.20 17.44
N THR A 79 2.32 -20.00 17.65
CA THR A 79 3.21 -19.86 18.78
C THR A 79 4.62 -19.46 18.33
N LEU A 80 5.33 -18.71 19.17
CA LEU A 80 6.70 -18.32 18.87
C LEU A 80 7.70 -19.24 19.56
N HIS A 81 8.65 -19.79 18.80
CA HIS A 81 9.66 -20.69 19.36
C HIS A 81 10.96 -19.97 19.70
N ASP A 82 11.47 -19.19 18.75
CA ASP A 82 12.76 -18.53 18.93
C ASP A 82 12.95 -17.44 17.88
N VAL A 83 14.00 -16.64 18.06
CA VAL A 83 14.30 -15.54 17.16
C VAL A 83 15.80 -15.48 16.90
N TYR A 84 16.18 -15.41 15.62
CA TYR A 84 17.58 -15.26 15.25
C TYR A 84 17.75 -13.98 14.44
N GLU A 85 18.99 -13.58 14.21
CA GLU A 85 19.25 -12.35 13.45
C GLU A 85 20.68 -12.27 12.92
N ASN A 86 20.81 -12.01 11.63
CA ASN A 86 22.11 -11.71 11.02
C ASN A 86 22.14 -10.26 10.53
N ARG A 87 22.98 -9.97 9.54
CA ARG A 87 23.13 -8.60 9.04
C ARG A 87 21.87 -8.13 8.34
N THR A 88 21.24 -9.03 7.59
CA THR A 88 20.17 -8.68 6.68
C THR A 88 18.75 -8.94 7.23
N ASP A 89 18.58 -10.08 7.88
CA ASP A 89 17.25 -10.56 8.25
C ASP A 89 17.07 -10.78 9.75
N VAL A 90 15.82 -10.74 10.19
CA VAL A 90 15.42 -11.27 11.50
C VAL A 90 14.57 -12.50 11.26
N VAL A 91 14.97 -13.63 11.83
CA VAL A 91 14.28 -14.88 11.57
C VAL A 91 13.39 -15.30 12.74
N LEU A 92 12.08 -15.26 12.50
CA LEU A 92 11.11 -15.71 13.49
C LEU A 92 10.89 -17.21 13.33
N ILE A 93 11.22 -17.98 14.36
CA ILE A 93 10.95 -19.42 14.36
C ILE A 93 9.56 -19.65 14.95
N LEU A 94 8.62 -20.01 14.09
CA LEU A 94 7.22 -20.10 14.47
C LEU A 94 6.69 -21.53 14.44
N GLU A 95 5.59 -21.76 15.15
CA GLU A 95 4.85 -23.00 15.03
C GLU A 95 4.46 -23.22 13.56
N LEU A 96 4.81 -24.38 13.03
CA LEU A 96 4.49 -24.73 11.65
C LEU A 96 3.01 -25.09 11.51
N VAL A 97 2.31 -24.40 10.60
CA VAL A 97 0.92 -24.70 10.30
C VAL A 97 0.82 -25.32 8.91
N SER A 98 0.53 -26.61 8.84
CA SER A 98 0.68 -27.37 7.59
C SER A 98 -0.62 -27.66 6.83
N GLY A 99 -1.74 -27.13 7.32
CA GLY A 99 -3.03 -27.48 6.73
C GLY A 99 -3.55 -26.49 5.70
N GLY A 100 -2.69 -25.57 5.27
CA GLY A 100 -3.10 -24.56 4.30
C GLY A 100 -4.12 -23.57 4.84
N GLU A 101 -4.80 -22.89 3.93
CA GLU A 101 -5.80 -21.88 4.31
C GLU A 101 -7.17 -22.51 4.54
N LEU A 102 -7.99 -21.87 5.37
CA LEU A 102 -9.32 -22.36 5.69
C LEU A 102 -10.24 -22.34 4.47
N PHE A 103 -10.22 -21.23 3.72
CA PHE A 103 -11.10 -21.07 2.58
C PHE A 103 -10.87 -22.14 1.53
N ASP A 104 -9.60 -22.40 1.24
CA ASP A 104 -9.25 -23.42 0.27
C ASP A 104 -9.77 -24.78 0.69
N PHE A 105 -9.88 -24.99 2.00
CA PHE A 105 -10.39 -26.24 2.54
C PHE A 105 -11.91 -26.31 2.37
N LEU A 106 -12.58 -25.20 2.67
CA LEU A 106 -14.03 -25.10 2.50
C LEU A 106 -14.42 -25.21 1.04
N ALA A 107 -13.63 -24.59 0.16
CA ALA A 107 -13.90 -24.61 -1.27
C ALA A 107 -13.69 -26.02 -1.83
N GLN A 108 -13.09 -26.87 -1.00
CA GLN A 108 -12.84 -28.26 -1.37
C GLN A 108 -14.02 -29.11 -0.95
N LYS A 109 -14.88 -28.54 -0.11
CA LYS A 109 -15.91 -29.30 0.56
C LYS A 109 -17.12 -29.57 -0.33
N GLU A 110 -17.72 -30.74 -0.14
CA GLU A 110 -18.90 -31.15 -0.88
C GLU A 110 -20.15 -30.45 -0.37
N SER A 111 -20.32 -30.45 0.95
CA SER A 111 -21.45 -29.78 1.59
C SER A 111 -20.99 -29.07 2.87
N LEU A 112 -21.79 -28.11 3.34
CA LEU A 112 -21.41 -27.31 4.51
C LEU A 112 -22.59 -26.50 5.04
N SER A 113 -23.02 -26.82 6.26
CA SER A 113 -24.14 -26.12 6.90
C SER A 113 -23.67 -24.92 7.72
N GLU A 114 -24.61 -24.11 8.19
CA GLU A 114 -24.27 -22.97 9.02
C GLU A 114 -23.75 -23.43 10.38
N GLU A 115 -24.23 -24.58 10.84
CA GLU A 115 -23.72 -25.17 12.07
C GLU A 115 -22.22 -25.44 11.97
N GLU A 116 -21.81 -26.08 10.88
CA GLU A 116 -20.40 -26.33 10.65
C GLU A 116 -19.65 -25.03 10.49
N ALA A 117 -20.23 -24.10 9.72
CA ALA A 117 -19.60 -22.81 9.50
C ALA A 117 -19.33 -22.07 10.81
N THR A 118 -20.34 -21.98 11.67
CA THR A 118 -20.20 -21.21 12.91
C THR A 118 -19.13 -21.80 13.82
N SER A 119 -18.89 -23.10 13.71
CA SER A 119 -17.87 -23.74 14.54
C SER A 119 -16.48 -23.30 14.12
N PHE A 120 -16.24 -23.19 12.82
CA PHE A 120 -14.97 -22.62 12.36
C PHE A 120 -14.87 -21.17 12.82
N ILE A 121 -15.96 -20.42 12.62
CA ILE A 121 -16.01 -19.02 13.03
C ILE A 121 -15.78 -18.85 14.54
N LYS A 122 -16.28 -19.79 15.34
CA LYS A 122 -16.05 -19.74 16.77
C LYS A 122 -14.59 -19.96 17.14
N GLN A 123 -13.91 -20.85 16.42
CA GLN A 123 -12.47 -21.01 16.62
C GLN A 123 -11.79 -19.66 16.41
N ILE A 124 -12.16 -18.95 15.35
CA ILE A 124 -11.59 -17.65 15.09
C ILE A 124 -11.92 -16.68 16.23
N LEU A 125 -13.19 -16.67 16.64
CA LEU A 125 -13.61 -15.80 17.73
C LEU A 125 -12.83 -16.12 19.00
N ASP A 126 -12.56 -17.42 19.23
CA ASP A 126 -11.85 -17.82 20.44
C ASP A 126 -10.44 -17.25 20.48
N GLY A 127 -9.76 -17.26 19.34
CA GLY A 127 -8.41 -16.74 19.25
C GLY A 127 -8.40 -15.22 19.36
N VAL A 128 -9.41 -14.58 18.76
CA VAL A 128 -9.50 -13.13 18.79
C VAL A 128 -9.92 -12.64 20.17
N ASN A 129 -10.76 -13.43 20.83
CA ASN A 129 -11.16 -13.12 22.20
C ASN A 129 -9.95 -13.08 23.13
N TYR A 130 -9.06 -14.04 22.95
CA TYR A 130 -7.85 -14.14 23.77
C TYR A 130 -6.92 -12.94 23.50
N LEU A 131 -6.82 -12.53 22.24
CA LEU A 131 -6.00 -11.37 21.89
C LEU A 131 -6.58 -10.07 22.47
N HIS A 132 -7.89 -9.89 22.31
CA HIS A 132 -8.52 -8.67 22.80
C HIS A 132 -8.47 -8.56 24.32
N THR A 133 -8.57 -9.70 24.99
CA THR A 133 -8.41 -9.74 26.43
C THR A 133 -7.08 -9.13 26.85
N LYS A 134 -6.01 -9.49 26.13
CA LYS A 134 -4.69 -8.93 26.39
C LYS A 134 -4.51 -7.59 25.67
N LYS A 135 -5.62 -6.95 25.33
CA LYS A 135 -5.62 -5.67 24.62
C LYS A 135 -4.76 -5.66 23.35
N ILE A 136 -4.74 -6.79 22.65
CA ILE A 136 -4.00 -6.89 21.40
C ILE A 136 -4.94 -6.85 20.20
N ALA A 137 -4.73 -5.90 19.31
CA ALA A 137 -5.48 -5.84 18.05
C ALA A 137 -4.65 -6.50 16.94
N HIS A 138 -5.26 -7.45 16.24
CA HIS A 138 -4.58 -8.15 15.16
C HIS A 138 -4.37 -7.22 13.98
N PHE A 139 -5.45 -6.56 13.55
CA PHE A 139 -5.39 -5.54 12.51
C PHE A 139 -5.08 -6.11 11.14
N ASP A 140 -5.01 -7.43 11.04
CA ASP A 140 -4.77 -8.06 9.74
C ASP A 140 -5.60 -9.33 9.55
N LEU A 141 -6.81 -9.31 10.10
CA LEU A 141 -7.71 -10.45 9.96
C LEU A 141 -8.29 -10.51 8.54
N LYS A 142 -7.93 -11.57 7.83
CA LYS A 142 -8.38 -11.80 6.48
C LYS A 142 -8.15 -13.27 6.17
N PRO A 143 -8.88 -13.81 5.17
CA PRO A 143 -8.86 -15.23 4.83
C PRO A 143 -7.48 -15.87 4.82
N GLU A 144 -6.52 -15.27 4.13
CA GLU A 144 -5.20 -15.89 4.01
C GLU A 144 -4.44 -16.02 5.34
N ASN A 145 -4.84 -15.25 6.35
CA ASN A 145 -4.23 -15.35 7.68
C ASN A 145 -5.00 -16.30 8.60
N ILE A 146 -5.91 -17.04 8.00
CA ILE A 146 -6.70 -18.02 8.74
C ILE A 146 -6.36 -19.40 8.21
N MET A 147 -5.46 -20.09 8.89
CA MET A 147 -4.96 -21.38 8.42
C MET A 147 -5.41 -22.56 9.28
N LEU A 148 -5.04 -23.75 8.85
CA LEU A 148 -5.41 -24.97 9.56
C LEU A 148 -4.16 -25.75 9.92
N LEU A 149 -4.13 -26.30 11.13
CA LEU A 149 -2.99 -27.08 11.58
C LEU A 149 -2.82 -28.32 10.73
N ASP A 150 -3.89 -29.09 10.62
CA ASP A 150 -3.89 -30.34 9.88
C ASP A 150 -5.18 -30.45 9.09
N LYS A 151 -5.08 -30.35 7.77
CA LYS A 151 -6.26 -30.36 6.92
C LYS A 151 -6.78 -31.76 6.60
N ASN A 152 -6.06 -32.78 7.06
CA ASN A 152 -6.45 -34.16 6.80
C ASN A 152 -7.24 -34.80 7.93
N ILE A 153 -7.88 -33.98 8.75
CA ILE A 153 -8.81 -34.50 9.74
C ILE A 153 -10.22 -33.98 9.42
N PRO A 154 -11.26 -34.66 9.92
CA PRO A 154 -12.65 -34.31 9.61
C PRO A 154 -12.97 -32.85 9.94
N ILE A 155 -12.64 -32.40 11.14
CA ILE A 155 -12.88 -31.01 11.52
C ILE A 155 -11.58 -30.34 12.01
N PRO A 156 -10.88 -29.67 11.08
CA PRO A 156 -9.55 -29.08 11.31
C PRO A 156 -9.54 -27.95 12.32
N HIS A 157 -8.39 -27.75 12.97
CA HIS A 157 -8.21 -26.69 13.94
C HIS A 157 -7.64 -25.45 13.26
N ILE A 158 -8.18 -24.29 13.63
CA ILE A 158 -7.78 -23.03 13.04
C ILE A 158 -6.61 -22.36 13.78
N LYS A 159 -5.69 -21.79 13.02
CA LYS A 159 -4.57 -21.05 13.58
C LYS A 159 -4.44 -19.70 12.90
N LEU A 160 -4.58 -18.63 13.67
CA LEU A 160 -4.38 -17.28 13.15
C LEU A 160 -2.88 -16.97 13.08
N ILE A 161 -2.43 -16.47 11.93
CA ILE A 161 -1.02 -16.18 11.74
C ILE A 161 -0.82 -14.70 11.44
N ASP A 162 0.41 -14.34 11.12
CA ASP A 162 0.77 -13.01 10.58
C ASP A 162 0.45 -11.86 11.51
N PHE A 163 1.36 -11.60 12.46
CA PHE A 163 1.18 -10.54 13.43
C PHE A 163 1.97 -9.28 13.09
N GLY A 164 2.22 -9.09 11.79
CA GLY A 164 2.96 -7.93 11.33
C GLY A 164 2.30 -6.60 11.63
N LEU A 165 0.97 -6.58 11.69
CA LEU A 165 0.24 -5.34 11.92
C LEU A 165 -0.35 -5.29 13.33
N ALA A 166 -0.15 -6.36 14.09
CA ALA A 166 -0.65 -6.43 15.45
C ALA A 166 -0.15 -5.27 16.30
N HIS A 167 -1.00 -4.79 17.22
CA HIS A 167 -0.67 -3.64 18.04
C HIS A 167 -1.36 -3.76 19.39
N GLU A 168 -0.63 -3.47 20.47
CA GLU A 168 -1.23 -3.43 21.79
C GLU A 168 -1.94 -2.10 22.00
N ILE A 169 -3.21 -2.15 22.34
CA ILE A 169 -4.00 -0.95 22.55
C ILE A 169 -3.84 -0.41 23.97
N GLU A 170 -3.37 0.82 24.07
CA GLU A 170 -3.25 1.48 25.36
C GLU A 170 -4.33 2.56 25.48
N ASP A 171 -5.06 2.56 26.58
CA ASP A 171 -6.08 3.59 26.81
C ASP A 171 -5.45 4.97 26.93
N GLY A 172 -6.14 5.97 26.39
CA GLY A 172 -5.64 7.33 26.41
C GLY A 172 -4.61 7.59 25.32
N VAL A 173 -3.98 6.52 24.83
CA VAL A 173 -2.95 6.64 23.81
C VAL A 173 -3.53 6.37 22.41
N GLU A 174 -3.81 7.45 21.69
CA GLU A 174 -4.43 7.33 20.38
C GLU A 174 -3.52 6.63 19.38
N PHE A 175 -4.07 5.65 18.67
CA PHE A 175 -3.32 4.97 17.62
C PHE A 175 -4.02 5.10 16.29
N LYS A 176 -3.32 5.70 15.32
CA LYS A 176 -3.83 5.80 13.96
C LYS A 176 -2.72 5.40 12.99
N ASN A 177 -3.09 4.66 11.95
CA ASN A 177 -2.14 4.26 10.93
C ASN A 177 -2.90 3.73 9.72
N ILE A 178 -2.24 3.72 8.56
CA ILE A 178 -2.87 3.26 7.33
C ILE A 178 -2.25 1.94 6.88
N PHE A 179 -3.07 0.90 6.82
CA PHE A 179 -2.58 -0.44 6.50
C PHE A 179 -3.73 -1.37 6.11
N GLY A 180 -3.37 -2.60 5.78
CA GLY A 180 -4.35 -3.66 5.59
C GLY A 180 -4.87 -3.74 4.18
N THR A 181 -5.54 -4.84 3.87
CA THR A 181 -6.14 -5.04 2.57
C THR A 181 -7.51 -4.37 2.53
N PRO A 182 -7.71 -3.49 1.54
CA PRO A 182 -8.92 -2.67 1.41
C PRO A 182 -10.22 -3.47 1.59
N GLU A 183 -10.31 -4.66 1.01
CA GLU A 183 -11.51 -5.45 1.09
C GLU A 183 -11.96 -5.70 2.53
N PHE A 184 -11.00 -5.71 3.46
CA PHE A 184 -11.28 -6.14 4.83
C PHE A 184 -11.12 -5.08 5.92
N VAL A 185 -10.67 -3.89 5.54
CA VAL A 185 -10.43 -2.85 6.54
C VAL A 185 -11.72 -2.17 6.97
N ALA A 186 -11.78 -1.78 8.23
CA ALA A 186 -12.92 -1.06 8.77
C ALA A 186 -12.93 0.43 8.35
N PRO A 187 -14.09 1.09 8.46
CA PRO A 187 -14.23 2.50 8.12
C PRO A 187 -13.24 3.40 8.84
N GLU A 188 -12.93 3.10 10.10
CA GLU A 188 -12.01 3.95 10.87
C GLU A 188 -10.58 3.87 10.35
N ILE A 189 -10.25 2.78 9.66
CA ILE A 189 -8.95 2.69 9.01
C ILE A 189 -8.94 3.54 7.74
N VAL A 190 -9.93 3.33 6.87
CA VAL A 190 -10.05 4.12 5.65
C VAL A 190 -10.05 5.62 5.97
N ASN A 191 -10.87 6.01 6.94
CA ASN A 191 -11.01 7.41 7.31
C ASN A 191 -9.87 7.94 8.17
N TYR A 192 -8.87 7.11 8.45
CA TYR A 192 -7.76 7.53 9.30
C TYR A 192 -8.29 8.17 10.58
N GLU A 193 -8.98 7.37 11.38
CA GLU A 193 -9.53 7.84 12.66
C GLU A 193 -8.99 6.97 13.78
N PRO A 194 -9.28 7.32 15.04
CA PRO A 194 -8.75 6.52 16.14
C PRO A 194 -9.06 5.03 15.99
N LEU A 195 -8.05 4.20 16.20
CA LEU A 195 -8.17 2.77 16.02
C LEU A 195 -8.17 2.03 17.37
N GLY A 196 -8.76 0.84 17.38
CA GLY A 196 -8.83 0.04 18.59
C GLY A 196 -9.19 -1.40 18.29
N LEU A 197 -9.74 -2.09 19.28
CA LEU A 197 -10.06 -3.50 19.13
C LEU A 197 -11.22 -3.74 18.16
N GLU A 198 -12.00 -2.70 17.87
CA GLU A 198 -13.22 -2.85 17.08
C GLU A 198 -12.98 -3.20 15.61
N ALA A 199 -11.86 -2.73 15.06
CA ALA A 199 -11.53 -3.02 13.66
C ALA A 199 -11.49 -4.52 13.39
N ASP A 200 -10.93 -5.27 14.32
CA ASP A 200 -10.92 -6.72 14.23
C ASP A 200 -12.34 -7.26 14.03
N MET A 201 -13.29 -6.64 14.71
CA MET A 201 -14.68 -7.12 14.71
C MET A 201 -15.36 -6.89 13.38
N TRP A 202 -15.12 -5.72 12.81
CA TRP A 202 -15.58 -5.41 11.45
C TRP A 202 -15.04 -6.48 10.49
N SER A 203 -13.74 -6.73 10.56
CA SER A 203 -13.10 -7.71 9.67
C SER A 203 -13.75 -9.08 9.79
N ILE A 204 -14.14 -9.46 11.00
CA ILE A 204 -14.83 -10.72 11.23
C ILE A 204 -16.17 -10.72 10.48
N GLY A 205 -16.89 -9.60 10.52
CA GLY A 205 -18.13 -9.44 9.79
C GLY A 205 -17.96 -9.70 8.31
N VAL A 206 -16.90 -9.13 7.73
CA VAL A 206 -16.62 -9.29 6.31
C VAL A 206 -16.29 -10.74 5.95
N ILE A 207 -15.41 -11.34 6.74
CA ILE A 207 -15.03 -12.74 6.54
C ILE A 207 -16.24 -13.68 6.61
N THR A 208 -17.17 -13.37 7.52
CA THR A 208 -18.37 -14.17 7.71
C THR A 208 -19.30 -14.03 6.50
N TYR A 209 -19.46 -12.80 6.04
CA TYR A 209 -20.26 -12.50 4.87
C TYR A 209 -19.79 -13.36 3.68
N ILE A 210 -18.47 -13.41 3.49
CA ILE A 210 -17.90 -14.17 2.39
C ILE A 210 -18.06 -15.67 2.58
N LEU A 211 -17.76 -16.13 3.79
CA LEU A 211 -17.84 -17.55 4.10
C LEU A 211 -19.23 -18.11 3.75
N LEU A 212 -20.26 -17.35 4.07
CA LEU A 212 -21.64 -17.78 3.89
C LEU A 212 -22.17 -17.67 2.44
N SER A 213 -21.67 -16.69 1.69
CA SER A 213 -22.27 -16.35 0.40
C SER A 213 -21.33 -16.52 -0.78
N GLY A 214 -20.04 -16.32 -0.54
CA GLY A 214 -19.04 -16.33 -1.60
C GLY A 214 -18.82 -14.92 -2.14
N ALA A 215 -19.77 -14.04 -1.82
CA ALA A 215 -19.73 -12.65 -2.24
C ALA A 215 -19.04 -11.80 -1.18
N SER A 216 -18.49 -10.66 -1.60
CA SER A 216 -17.83 -9.72 -0.69
C SER A 216 -18.66 -8.46 -0.55
N PRO A 217 -18.90 -8.02 0.69
CA PRO A 217 -19.86 -6.94 0.98
C PRO A 217 -19.53 -5.58 0.36
N PHE A 218 -18.25 -5.19 0.36
CA PHE A 218 -17.90 -3.84 -0.06
C PHE A 218 -17.02 -3.77 -1.32
N LEU A 219 -16.52 -4.94 -1.75
CA LEU A 219 -15.64 -5.02 -2.92
C LEU A 219 -16.28 -4.40 -4.19
N GLY A 220 -15.63 -3.37 -4.73
CA GLY A 220 -16.09 -2.74 -5.95
C GLY A 220 -15.27 -3.17 -7.15
N ASP A 221 -15.51 -2.53 -8.30
CA ASP A 221 -14.74 -2.81 -9.50
C ASP A 221 -13.32 -2.26 -9.36
N THR A 222 -13.17 -1.23 -8.52
CA THR A 222 -11.86 -0.62 -8.27
C THR A 222 -11.68 -0.36 -6.77
N LYS A 223 -10.45 -0.05 -6.38
CA LYS A 223 -10.17 0.22 -4.97
C LYS A 223 -10.87 1.48 -4.47
N GLN A 224 -10.94 2.50 -5.31
CA GLN A 224 -11.69 3.73 -4.98
C GLN A 224 -13.12 3.39 -4.57
N GLU A 225 -13.75 2.48 -5.32
CA GLU A 225 -15.13 2.08 -5.03
C GLU A 225 -15.22 1.30 -3.72
N THR A 226 -14.33 0.35 -3.53
CA THR A 226 -14.30 -0.48 -2.33
C THR A 226 -14.26 0.41 -1.09
N LEU A 227 -13.31 1.35 -1.11
CA LEU A 227 -13.13 2.29 -0.01
C LEU A 227 -14.35 3.18 0.19
N ALA A 228 -14.95 3.62 -0.91
CA ALA A 228 -16.18 4.39 -0.85
C ALA A 228 -17.29 3.53 -0.26
N ASN A 229 -17.38 2.28 -0.72
CA ASN A 229 -18.41 1.37 -0.21
C ASN A 229 -18.25 1.17 1.30
N ILE A 230 -17.01 1.03 1.73
CA ILE A 230 -16.72 0.76 3.14
C ILE A 230 -17.18 1.90 4.03
N THR A 231 -16.85 3.12 3.63
CA THR A 231 -17.17 4.29 4.45
C THR A 231 -18.65 4.67 4.40
N ALA A 232 -19.33 4.28 3.33
CA ALA A 232 -20.78 4.48 3.26
C ALA A 232 -21.51 3.30 3.90
N VAL A 233 -20.75 2.31 4.38
CA VAL A 233 -21.34 1.06 4.86
C VAL A 233 -22.38 0.61 3.85
N SER A 234 -21.98 0.59 2.59
CA SER A 234 -22.88 0.24 1.51
C SER A 234 -22.69 -1.23 1.14
N TYR A 235 -23.69 -2.03 1.49
CA TYR A 235 -23.71 -3.45 1.12
C TYR A 235 -25.14 -3.96 1.20
N ASP A 236 -25.38 -5.17 0.73
CA ASP A 236 -26.71 -5.76 0.81
C ASP A 236 -26.64 -7.28 0.91
N PHE A 237 -27.73 -7.90 1.33
CA PHE A 237 -27.83 -9.36 1.32
C PHE A 237 -28.55 -9.83 0.07
N ASP A 238 -27.84 -9.79 -1.06
CA ASP A 238 -28.39 -10.20 -2.36
C ASP A 238 -29.03 -11.58 -2.29
N GLU A 239 -30.33 -11.65 -2.55
CA GLU A 239 -31.03 -12.93 -2.52
C GLU A 239 -30.41 -13.94 -3.48
N GLU A 240 -29.73 -13.45 -4.50
CA GLU A 240 -29.02 -14.32 -5.42
C GLU A 240 -28.04 -15.21 -4.66
N PHE A 241 -27.42 -14.66 -3.63
CA PHE A 241 -26.41 -15.39 -2.88
C PHE A 241 -26.86 -15.77 -1.47
N PHE A 242 -27.79 -15.00 -0.91
CA PHE A 242 -28.18 -15.16 0.48
C PHE A 242 -29.55 -15.81 0.68
N SER A 243 -30.10 -16.41 -0.38
CA SER A 243 -31.46 -16.98 -0.34
C SER A 243 -31.62 -18.12 0.68
N GLN A 244 -30.50 -18.75 1.05
CA GLN A 244 -30.54 -19.88 1.98
C GLN A 244 -29.96 -19.53 3.36
N THR A 245 -29.41 -18.34 3.49
CA THR A 245 -28.78 -17.92 4.73
C THR A 245 -29.82 -17.50 5.76
N SER A 246 -29.61 -17.91 7.02
CA SER A 246 -30.56 -17.66 8.08
C SER A 246 -30.53 -16.21 8.55
N GLU A 247 -31.69 -15.72 8.99
CA GLU A 247 -31.81 -14.38 9.54
C GLU A 247 -30.86 -14.15 10.73
N LEU A 248 -30.61 -15.20 11.50
CA LEU A 248 -29.66 -15.10 12.60
C LEU A 248 -28.25 -14.77 12.08
N ALA A 249 -27.81 -15.48 11.05
CA ALA A 249 -26.52 -15.19 10.45
C ALA A 249 -26.48 -13.74 9.97
N LYS A 250 -27.51 -13.33 9.24
CA LYS A 250 -27.61 -11.96 8.76
C LYS A 250 -27.60 -10.94 9.90
N ASP A 251 -28.25 -11.29 11.01
CA ASP A 251 -28.29 -10.41 12.17
C ASP A 251 -26.91 -10.30 12.79
N PHE A 252 -26.19 -11.41 12.83
CA PHE A 252 -24.83 -11.45 13.33
C PHE A 252 -23.95 -10.54 12.47
N ILE A 253 -24.03 -10.72 11.16
CA ILE A 253 -23.26 -9.89 10.23
C ILE A 253 -23.63 -8.39 10.34
N ARG A 254 -24.93 -8.10 10.39
CA ARG A 254 -25.40 -6.72 10.52
C ARG A 254 -24.80 -5.94 11.69
N LYS A 255 -24.63 -6.62 12.82
CA LYS A 255 -24.17 -5.97 14.04
C LYS A 255 -22.65 -5.80 14.04
N LEU A 256 -21.98 -6.49 13.13
CA LEU A 256 -20.54 -6.34 12.96
C LEU A 256 -20.19 -5.23 11.97
N LEU A 257 -20.92 -5.18 10.86
CA LEU A 257 -20.66 -4.19 9.81
C LEU A 257 -21.33 -2.88 10.17
N VAL A 258 -20.80 -2.22 11.19
CA VAL A 258 -21.37 -0.99 11.73
C VAL A 258 -20.26 0.06 11.85
N LYS A 259 -20.52 1.27 11.37
CA LYS A 259 -19.47 2.30 11.34
C LYS A 259 -19.07 2.78 12.73
N GLU A 260 -20.03 3.28 13.50
CA GLU A 260 -19.76 3.75 14.84
C GLU A 260 -19.11 2.64 15.64
N THR A 261 -17.85 2.84 16.02
CA THR A 261 -17.05 1.81 16.66
C THR A 261 -17.66 1.35 17.97
N ARG A 262 -18.40 2.25 18.63
CA ARG A 262 -18.96 1.96 19.95
C ARG A 262 -20.22 1.10 19.86
N LYS A 263 -20.90 1.14 18.73
CA LYS A 263 -22.13 0.38 18.55
C LYS A 263 -21.83 -1.01 17.99
N ARG A 264 -20.62 -1.19 17.47
CA ARG A 264 -20.19 -2.46 16.92
C ARG A 264 -20.08 -3.53 18.02
N LEU A 265 -20.50 -4.75 17.72
CA LEU A 265 -20.39 -5.84 18.70
C LEU A 265 -18.93 -6.03 19.14
N THR A 266 -18.74 -6.28 20.44
CA THR A 266 -17.42 -6.63 20.96
C THR A 266 -17.18 -8.10 20.69
N ILE A 267 -15.97 -8.57 20.96
CA ILE A 267 -15.66 -9.99 20.77
C ILE A 267 -16.48 -10.88 21.70
N GLN A 268 -16.78 -10.39 22.90
CA GLN A 268 -17.57 -11.17 23.84
C GLN A 268 -19.03 -11.23 23.42
N GLU A 269 -19.54 -10.14 22.89
CA GLU A 269 -20.91 -10.10 22.42
C GLU A 269 -21.07 -10.99 21.20
N ALA A 270 -20.03 -11.04 20.36
CA ALA A 270 -20.04 -11.94 19.21
C ALA A 270 -20.08 -13.39 19.67
N LEU A 271 -19.23 -13.73 20.64
CA LEU A 271 -19.22 -15.07 21.21
C LEU A 271 -20.59 -15.45 21.78
N ARG A 272 -21.33 -14.45 22.24
CA ARG A 272 -22.63 -14.67 22.89
C ARG A 272 -23.82 -14.41 21.98
N HIS A 273 -23.55 -14.16 20.70
CA HIS A 273 -24.63 -14.00 19.74
C HIS A 273 -25.32 -15.34 19.50
N PRO A 274 -26.66 -15.32 19.41
CA PRO A 274 -27.44 -16.55 19.24
C PRO A 274 -26.99 -17.41 18.07
N TRP A 275 -26.56 -16.79 16.97
CA TRP A 275 -26.09 -17.54 15.81
C TRP A 275 -24.82 -18.32 16.10
N ILE A 276 -24.05 -17.85 17.08
CA ILE A 276 -22.83 -18.54 17.50
C ILE A 276 -23.09 -19.45 18.71
N THR A 277 -23.93 -18.96 19.63
CA THR A 277 -24.28 -19.71 20.83
C THR A 277 -25.79 -19.70 21.06
N PRO A 278 -26.50 -20.63 20.39
CA PRO A 278 -27.96 -20.71 20.48
C PRO A 278 -28.42 -20.83 21.93
N VAL A 279 -29.49 -20.12 22.29
CA VAL A 279 -30.00 -20.16 23.64
C VAL A 279 -31.12 -21.19 23.80
N ASP A 280 -31.43 -21.90 22.72
CA ASP A 280 -32.49 -22.91 22.78
C ASP A 280 -32.46 -23.88 21.60
N THR A 281 -33.25 -24.94 21.71
CA THR A 281 -33.34 -25.98 20.70
C THR A 281 -33.68 -25.40 19.33
N GLN A 282 -34.69 -24.56 19.29
CA GLN A 282 -35.20 -24.03 18.03
C GLN A 282 -34.12 -23.33 17.21
N GLN A 283 -33.35 -22.44 17.85
CA GLN A 283 -32.30 -21.72 17.16
C GLN A 283 -31.25 -22.68 16.61
N ALA A 284 -30.99 -23.74 17.35
CA ALA A 284 -30.02 -24.73 16.92
C ALA A 284 -30.45 -25.45 15.64
N MET A 285 -31.72 -25.83 15.58
CA MET A 285 -32.25 -26.54 14.41
C MET A 285 -32.18 -25.66 13.16
N VAL A 286 -32.60 -24.40 13.30
CA VAL A 286 -32.57 -23.46 12.20
C VAL A 286 -31.19 -23.41 11.58
N ARG A 287 -30.18 -23.16 12.41
CA ARG A 287 -28.79 -23.11 11.98
C ARG A 287 -28.39 -24.41 11.27
N ARG A 288 -28.81 -25.53 11.87
CA ARG A 288 -28.55 -26.86 11.31
C ARG A 288 -29.23 -27.03 9.95
N GLU A 289 -30.28 -26.24 9.69
CA GLU A 289 -31.04 -26.37 8.44
C GLU A 289 -30.63 -25.37 7.37
N SER A 290 -29.73 -24.46 7.72
CA SER A 290 -29.26 -23.48 6.75
C SER A 290 -28.00 -23.98 6.07
N VAL A 291 -27.90 -23.73 4.77
CA VAL A 291 -26.76 -24.18 3.98
C VAL A 291 -25.91 -23.00 3.53
N VAL A 292 -24.60 -23.22 3.47
CA VAL A 292 -23.68 -22.23 2.91
C VAL A 292 -23.71 -22.34 1.39
N ASN A 293 -23.49 -21.22 0.71
CA ASN A 293 -23.50 -21.20 -0.75
C ASN A 293 -22.17 -21.68 -1.33
N LEU A 294 -21.87 -22.96 -1.15
CA LEU A 294 -20.60 -23.50 -1.60
C LEU A 294 -20.35 -23.28 -3.09
N GLU A 295 -21.41 -23.23 -3.88
CA GLU A 295 -21.26 -23.03 -5.31
C GLU A 295 -20.63 -21.68 -5.63
N ASN A 296 -21.20 -20.61 -5.06
CA ASN A 296 -20.68 -19.28 -5.31
C ASN A 296 -19.32 -19.08 -4.65
N PHE A 297 -19.15 -19.67 -3.47
CA PHE A 297 -17.90 -19.60 -2.75
C PHE A 297 -16.77 -20.21 -3.58
N LYS A 298 -17.00 -21.40 -4.10
CA LYS A 298 -16.01 -22.07 -4.94
C LYS A 298 -15.69 -21.19 -6.14
N LYS A 299 -16.73 -20.63 -6.75
CA LYS A 299 -16.55 -19.77 -7.91
C LYS A 299 -15.58 -18.62 -7.64
N GLN A 300 -15.80 -17.92 -6.53
CA GLN A 300 -14.99 -16.75 -6.21
C GLN A 300 -13.58 -17.12 -5.74
N TYR A 301 -13.46 -18.24 -5.04
CA TYR A 301 -12.16 -18.64 -4.52
C TYR A 301 -11.57 -19.84 -5.27
N VAL A 302 -11.60 -19.74 -6.59
CA VAL A 302 -10.99 -20.73 -7.48
C VAL A 302 -10.53 -20.06 -8.77
N THR B 4 -9.27 0.97 -28.58
CA THR B 4 -8.21 1.63 -29.33
C THR B 4 -6.86 0.96 -29.11
N PHE B 5 -6.84 -0.08 -28.27
CA PHE B 5 -5.63 -0.87 -28.06
C PHE B 5 -5.44 -1.85 -29.20
N LYS B 6 -4.25 -1.83 -29.82
CA LYS B 6 -3.97 -2.73 -30.92
C LYS B 6 -3.88 -4.16 -30.40
N GLN B 7 -4.80 -5.00 -30.86
CA GLN B 7 -4.79 -6.41 -30.47
C GLN B 7 -3.75 -7.17 -31.31
N GLN B 8 -2.48 -6.84 -31.10
CA GLN B 8 -1.40 -7.43 -31.87
C GLN B 8 -0.18 -7.67 -30.99
N LYS B 9 0.63 -8.65 -31.37
CA LYS B 9 1.87 -8.92 -30.67
C LYS B 9 2.80 -7.73 -30.87
N VAL B 10 3.24 -7.12 -29.76
CA VAL B 10 4.19 -6.03 -29.84
C VAL B 10 5.43 -6.51 -30.56
N GLU B 11 5.79 -7.77 -30.36
CA GLU B 11 7.05 -8.31 -30.86
C GLU B 11 7.08 -8.51 -32.37
N ASP B 12 5.91 -8.41 -33.01
CA ASP B 12 5.85 -8.45 -34.47
C ASP B 12 6.27 -7.10 -35.03
N PHE B 13 6.13 -6.06 -34.23
CA PHE B 13 6.40 -4.70 -34.67
C PHE B 13 7.60 -4.06 -33.96
N TYR B 14 8.10 -4.72 -32.93
CA TYR B 14 9.22 -4.20 -32.16
C TYR B 14 10.25 -5.27 -31.84
N ASP B 15 11.51 -4.87 -31.80
CA ASP B 15 12.55 -5.70 -31.23
C ASP B 15 12.66 -5.38 -29.73
N ILE B 16 12.32 -6.36 -28.90
CA ILE B 16 12.36 -6.18 -27.45
C ILE B 16 13.77 -6.41 -26.93
N GLY B 17 14.34 -5.38 -26.31
CA GLY B 17 15.70 -5.44 -25.78
C GLY B 17 15.78 -5.69 -24.28
N GLU B 18 16.74 -5.04 -23.64
CA GLU B 18 17.02 -5.27 -22.23
C GLU B 18 15.96 -4.67 -21.30
N GLU B 19 15.86 -5.23 -20.10
CA GLU B 19 14.96 -4.68 -19.09
C GLU B 19 15.55 -3.38 -18.55
N LEU B 20 14.72 -2.35 -18.49
CA LEU B 20 15.16 -1.03 -18.04
C LEU B 20 14.77 -0.76 -16.60
N GLY B 21 13.67 -1.37 -16.15
CA GLY B 21 13.19 -1.18 -14.81
C GLY B 21 12.02 -2.09 -14.51
N SER B 22 11.47 -1.98 -13.31
CA SER B 22 10.34 -2.82 -12.91
C SER B 22 9.69 -2.32 -11.62
N GLY B 23 8.39 -2.56 -11.49
CA GLY B 23 7.66 -2.22 -10.29
C GLY B 23 6.77 -3.37 -9.87
N GLN B 24 5.75 -3.07 -9.08
CA GLN B 24 4.83 -4.08 -8.57
C GLN B 24 3.94 -4.62 -9.69
N PHE B 25 3.64 -3.76 -10.66
CA PHE B 25 2.65 -4.09 -11.68
C PHE B 25 3.20 -4.15 -13.11
N ALA B 26 4.36 -3.53 -13.32
CA ALA B 26 4.88 -3.41 -14.68
C ALA B 26 6.37 -3.74 -14.79
N ILE B 27 6.78 -4.09 -16.00
CA ILE B 27 8.19 -4.24 -16.32
C ILE B 27 8.50 -3.47 -17.60
N VAL B 28 9.50 -2.60 -17.52
CA VAL B 28 9.87 -1.75 -18.65
C VAL B 28 11.09 -2.31 -19.40
N LYS B 29 11.00 -2.35 -20.72
CA LYS B 29 12.09 -2.87 -21.54
C LYS B 29 12.36 -1.93 -22.70
N LYS B 30 13.63 -1.83 -23.07
CA LYS B 30 14.02 -1.04 -24.24
C LYS B 30 13.47 -1.75 -25.46
N CYS B 31 13.01 -0.99 -26.45
CA CYS B 31 12.51 -1.58 -27.68
C CYS B 31 12.76 -0.69 -28.89
N ARG B 32 12.73 -1.29 -30.07
CA ARG B 32 12.97 -0.56 -31.31
C ARG B 32 11.93 -0.96 -32.35
N GLU B 33 11.22 0.04 -32.89
CA GLU B 33 10.23 -0.22 -33.92
C GLU B 33 10.93 -0.66 -35.21
N LYS B 34 10.41 -1.70 -35.85
CA LYS B 34 11.04 -2.27 -37.04
C LYS B 34 10.91 -1.36 -38.25
N SER B 35 9.70 -0.87 -38.48
CA SER B 35 9.40 -0.03 -39.63
C SER B 35 10.25 1.24 -39.68
N THR B 36 10.62 1.77 -38.51
CA THR B 36 11.32 3.05 -38.45
C THR B 36 12.72 2.95 -37.85
N GLY B 37 12.95 1.94 -37.00
CA GLY B 37 14.23 1.81 -36.32
C GLY B 37 14.38 2.80 -35.17
N LEU B 38 13.26 3.36 -34.71
CA LEU B 38 13.29 4.29 -33.58
C LEU B 38 13.12 3.55 -32.25
N GLU B 39 13.85 3.99 -31.24
CA GLU B 39 13.82 3.32 -29.94
C GLU B 39 12.81 3.92 -28.97
N TYR B 40 12.19 3.06 -28.16
CA TYR B 40 11.23 3.51 -27.17
C TYR B 40 11.38 2.66 -25.92
N ALA B 41 10.55 2.95 -24.90
CA ALA B 41 10.48 2.12 -23.70
C ALA B 41 9.14 1.40 -23.68
N ALA B 42 9.17 0.07 -23.61
CA ALA B 42 7.94 -0.71 -23.60
C ALA B 42 7.56 -1.12 -22.18
N LYS B 43 6.52 -0.50 -21.65
CA LYS B 43 6.05 -0.78 -20.31
C LYS B 43 4.91 -1.81 -20.31
N PHE B 44 5.21 -3.01 -19.86
CA PHE B 44 4.23 -4.09 -19.81
C PHE B 44 3.44 -4.04 -18.51
N ILE B 45 2.13 -3.82 -18.60
CA ILE B 45 1.30 -3.80 -17.40
C ILE B 45 0.41 -5.04 -17.32
N LYS B 46 0.63 -5.85 -16.28
CA LYS B 46 -0.17 -7.05 -16.08
C LYS B 46 -1.61 -6.70 -15.75
N LYS B 47 -2.52 -7.22 -16.56
CA LYS B 47 -3.94 -7.00 -16.34
C LYS B 47 -4.45 -7.79 -15.15
N ARG B 48 -5.14 -7.10 -14.24
N ARG B 48 -5.13 -7.10 -14.24
CA ARG B 48 -5.80 -7.75 -13.11
CA ARG B 48 -5.78 -7.75 -13.10
C ARG B 48 -6.83 -8.73 -13.66
C ARG B 48 -6.87 -8.69 -13.60
N GLN B 49 -6.85 -9.94 -13.11
CA GLN B 49 -7.76 -10.97 -13.59
C GLN B 49 -9.05 -11.13 -12.79
N SER B 50 -9.05 -10.67 -11.54
CA SER B 50 -10.26 -10.75 -10.71
C SER B 50 -10.37 -9.54 -9.78
N ARG B 51 -11.60 -9.10 -9.51
CA ARG B 51 -11.83 -7.91 -8.71
C ARG B 51 -11.18 -7.97 -7.33
N ALA B 52 -11.14 -9.16 -6.73
CA ALA B 52 -10.57 -9.32 -5.40
C ALA B 52 -9.05 -9.48 -5.42
N SER B 53 -8.48 -9.79 -6.58
CA SER B 53 -7.04 -10.03 -6.66
C SER B 53 -6.24 -8.76 -6.37
N ARG B 54 -5.09 -8.94 -5.76
CA ARG B 54 -4.22 -7.82 -5.44
C ARG B 54 -3.09 -7.75 -6.47
N ARG B 55 -3.18 -8.58 -7.50
CA ARG B 55 -2.18 -8.63 -8.55
C ARG B 55 -2.67 -8.01 -9.86
N GLY B 56 -1.77 -7.32 -10.56
CA GLY B 56 -2.09 -6.71 -11.83
C GLY B 56 -2.91 -5.44 -11.66
N VAL B 57 -3.32 -4.86 -12.79
CA VAL B 57 -4.11 -3.63 -12.75
C VAL B 57 -5.43 -3.80 -13.50
N CYS B 58 -6.51 -3.28 -12.92
CA CYS B 58 -7.80 -3.26 -13.56
C CYS B 58 -7.68 -2.66 -14.96
N ARG B 59 -8.36 -3.27 -15.93
CA ARG B 59 -8.24 -2.83 -17.32
C ARG B 59 -8.85 -1.43 -17.51
N GLU B 60 -9.93 -1.13 -16.80
CA GLU B 60 -10.53 0.19 -16.85
C GLU B 60 -9.54 1.26 -16.42
N GLU B 61 -8.76 0.97 -15.38
CA GLU B 61 -7.76 1.92 -14.90
C GLU B 61 -6.66 2.13 -15.92
N ILE B 62 -6.24 1.04 -16.57
CA ILE B 62 -5.21 1.14 -17.60
C ILE B 62 -5.73 1.99 -18.76
N GLU B 63 -6.97 1.72 -19.16
CA GLU B 63 -7.63 2.48 -20.20
C GLU B 63 -7.67 3.96 -19.83
N ARG B 64 -7.90 4.25 -18.56
CA ARG B 64 -7.96 5.63 -18.13
C ARG B 64 -6.60 6.32 -18.18
N GLU B 65 -5.54 5.59 -17.83
CA GLU B 65 -4.20 6.16 -17.87
C GLU B 65 -3.86 6.53 -19.31
N VAL B 66 -4.18 5.63 -20.23
CA VAL B 66 -3.88 5.86 -21.64
C VAL B 66 -4.67 7.06 -22.15
N SER B 67 -5.92 7.15 -21.75
CA SER B 67 -6.77 8.27 -22.13
C SER B 67 -6.10 9.59 -21.75
N ILE B 68 -5.46 9.60 -20.60
CA ILE B 68 -4.75 10.78 -20.12
C ILE B 68 -3.46 11.02 -20.92
N LEU B 69 -2.69 9.96 -21.11
CA LEU B 69 -1.43 10.06 -21.83
C LEU B 69 -1.62 10.60 -23.25
N ARG B 70 -2.69 10.17 -23.92
N ARG B 70 -2.69 10.17 -23.92
CA ARG B 70 -2.94 10.58 -25.30
CA ARG B 70 -2.94 10.58 -25.29
C ARG B 70 -3.13 12.10 -25.41
C ARG B 70 -3.13 12.10 -25.41
N GLN B 71 -3.59 12.73 -24.34
CA GLN B 71 -3.83 14.17 -24.34
C GLN B 71 -2.55 15.00 -24.19
N VAL B 72 -1.53 14.43 -23.55
CA VAL B 72 -0.39 15.23 -23.12
C VAL B 72 0.78 15.30 -24.10
N LEU B 73 1.08 16.51 -24.55
CA LEU B 73 2.28 16.74 -25.32
C LEU B 73 3.01 17.95 -24.75
N HIS B 74 4.21 17.71 -24.22
CA HIS B 74 4.96 18.74 -23.53
C HIS B 74 6.37 18.23 -23.28
N PRO B 75 7.37 19.11 -23.42
CA PRO B 75 8.77 18.71 -23.29
C PRO B 75 9.13 18.16 -21.92
N ASN B 76 8.40 18.52 -20.88
CA ASN B 76 8.69 17.99 -19.54
C ASN B 76 7.76 16.85 -19.12
N ILE B 77 7.03 16.30 -20.07
CA ILE B 77 6.14 15.16 -19.81
C ILE B 77 6.44 14.03 -20.80
N ILE B 78 6.47 12.81 -20.29
CA ILE B 78 6.69 11.65 -21.14
C ILE B 78 5.62 11.61 -22.24
N THR B 79 5.98 11.07 -23.40
CA THR B 79 5.08 11.07 -24.55
C THR B 79 4.66 9.65 -24.92
N LEU B 80 3.35 9.44 -25.10
CA LEU B 80 2.85 8.14 -25.52
C LEU B 80 2.98 7.95 -27.03
N HIS B 81 3.61 6.84 -27.44
CA HIS B 81 3.76 6.54 -28.87
C HIS B 81 2.71 5.55 -29.37
N ASP B 82 2.47 4.49 -28.59
CA ASP B 82 1.52 3.47 -29.02
C ASP B 82 1.11 2.53 -27.87
N VAL B 83 0.01 1.80 -28.08
CA VAL B 83 -0.48 0.84 -27.10
C VAL B 83 -0.85 -0.48 -27.73
N TYR B 84 -0.20 -1.56 -27.29
CA TYR B 84 -0.54 -2.90 -27.74
C TYR B 84 -1.20 -3.66 -26.59
N GLU B 85 -1.83 -4.79 -26.92
CA GLU B 85 -2.48 -5.61 -25.91
C GLU B 85 -2.54 -7.07 -26.30
N ASN B 86 -2.25 -7.95 -25.34
CA ASN B 86 -2.39 -9.39 -25.52
C ASN B 86 -3.15 -10.00 -24.34
N ARG B 87 -3.17 -11.33 -24.29
CA ARG B 87 -3.89 -12.05 -23.23
C ARG B 87 -3.74 -11.41 -21.85
N THR B 88 -2.48 -11.25 -21.46
CA THR B 88 -2.15 -10.91 -20.08
C THR B 88 -1.77 -9.44 -19.88
N ASP B 89 -1.03 -8.88 -20.84
CA ASP B 89 -0.45 -7.55 -20.67
C ASP B 89 -1.05 -6.49 -21.56
N VAL B 90 -1.09 -5.27 -21.05
CA VAL B 90 -1.25 -4.09 -21.89
C VAL B 90 0.15 -3.48 -22.01
N VAL B 91 0.60 -3.24 -23.24
CA VAL B 91 1.95 -2.73 -23.43
C VAL B 91 1.95 -1.27 -23.86
N LEU B 92 2.43 -0.41 -22.96
CA LEU B 92 2.56 1.00 -23.26
C LEU B 92 3.90 1.25 -23.94
N ILE B 93 3.86 1.71 -25.19
CA ILE B 93 5.06 2.10 -25.90
C ILE B 93 5.29 3.58 -25.62
N LEU B 94 6.34 3.88 -24.86
CA LEU B 94 6.59 5.24 -24.38
C LEU B 94 7.89 5.83 -24.93
N GLU B 95 7.94 7.16 -24.95
CA GLU B 95 9.19 7.86 -25.23
C GLU B 95 10.30 7.31 -24.35
N LEU B 96 11.41 6.93 -24.96
CA LEU B 96 12.57 6.46 -24.20
C LEU B 96 13.25 7.62 -23.48
N VAL B 97 13.55 7.40 -22.20
CA VAL B 97 14.28 8.38 -21.39
C VAL B 97 15.56 7.72 -20.90
N SER B 98 16.71 8.25 -21.29
CA SER B 98 17.97 7.54 -21.05
C SER B 98 18.87 8.14 -19.96
N GLY B 99 18.44 9.24 -19.36
CA GLY B 99 19.30 9.95 -18.41
C GLY B 99 19.16 9.57 -16.95
N GLY B 100 18.38 8.53 -16.66
CA GLY B 100 18.19 8.09 -15.29
C GLY B 100 17.40 9.09 -14.46
N GLU B 101 17.38 8.88 -13.14
CA GLU B 101 16.62 9.72 -12.21
C GLU B 101 17.38 10.99 -11.84
N LEU B 102 16.64 12.10 -11.70
CA LEU B 102 17.25 13.39 -11.36
C LEU B 102 18.16 13.30 -10.13
N PHE B 103 17.64 12.73 -9.06
CA PHE B 103 18.40 12.68 -7.80
C PHE B 103 19.73 11.95 -7.95
N ASP B 104 19.71 10.79 -8.61
CA ASP B 104 20.95 10.04 -8.84
C ASP B 104 21.99 10.93 -9.52
N PHE B 105 21.53 11.79 -10.41
CA PHE B 105 22.40 12.72 -11.12
C PHE B 105 22.88 13.85 -10.20
N LEU B 106 21.97 14.40 -9.40
CA LEU B 106 22.36 15.41 -8.42
C LEU B 106 23.36 14.81 -7.43
N ALA B 107 23.11 13.58 -7.01
CA ALA B 107 23.91 12.93 -6.00
C ALA B 107 25.37 12.72 -6.42
N GLN B 108 25.65 12.95 -7.69
CA GLN B 108 27.00 12.80 -8.22
C GLN B 108 27.53 14.12 -8.75
N LYS B 109 26.69 15.15 -8.70
CA LYS B 109 27.09 16.49 -9.11
C LYS B 109 28.16 17.04 -8.17
N GLU B 110 29.13 17.77 -8.74
CA GLU B 110 30.21 18.36 -7.97
C GLU B 110 29.67 19.45 -7.04
N SER B 111 29.09 20.46 -7.64
CA SER B 111 28.59 21.62 -6.91
C SER B 111 27.15 21.89 -7.35
N LEU B 112 26.41 22.66 -6.55
CA LEU B 112 25.03 22.99 -6.90
C LEU B 112 24.54 24.25 -6.20
N SER B 113 24.12 25.23 -6.99
CA SER B 113 23.57 26.47 -6.45
C SER B 113 22.05 26.41 -6.44
N GLU B 114 21.43 27.39 -5.80
CA GLU B 114 19.96 27.46 -5.80
C GLU B 114 19.44 27.83 -7.18
N GLU B 115 20.23 28.61 -7.91
CA GLU B 115 19.90 28.97 -9.28
C GLU B 115 19.70 27.72 -10.12
N GLU B 116 20.64 26.79 -10.03
CA GLU B 116 20.56 25.54 -10.78
C GLU B 116 19.43 24.65 -10.27
N ALA B 117 19.17 24.75 -8.97
CA ALA B 117 18.09 23.98 -8.36
C ALA B 117 16.74 24.47 -8.87
N THR B 118 16.56 25.79 -8.93
CA THR B 118 15.31 26.34 -9.43
C THR B 118 15.14 26.07 -10.92
N SER B 119 16.25 25.85 -11.61
CA SER B 119 16.22 25.48 -13.02
C SER B 119 15.49 24.15 -13.21
N PHE B 120 15.87 23.17 -12.40
CA PHE B 120 15.25 21.86 -12.47
C PHE B 120 13.83 21.91 -11.93
N ILE B 121 13.65 22.61 -10.82
CA ILE B 121 12.32 22.77 -10.23
C ILE B 121 11.37 23.49 -11.19
N LYS B 122 11.91 24.43 -11.95
CA LYS B 122 11.15 25.16 -12.96
C LYS B 122 10.59 24.20 -14.00
N GLN B 123 11.45 23.33 -14.53
CA GLN B 123 11.02 22.32 -15.49
C GLN B 123 9.86 21.50 -14.93
N ILE B 124 10.00 21.07 -13.68
CA ILE B 124 8.94 20.33 -13.02
C ILE B 124 7.65 21.14 -12.98
N LEU B 125 7.76 22.41 -12.61
CA LEU B 125 6.59 23.27 -12.55
C LEU B 125 5.96 23.44 -13.93
N ASP B 126 6.78 23.60 -14.96
CA ASP B 126 6.27 23.71 -16.33
C ASP B 126 5.43 22.50 -16.70
N GLY B 127 5.95 21.31 -16.39
CA GLY B 127 5.29 20.07 -16.71
C GLY B 127 4.01 19.89 -15.95
N VAL B 128 4.02 20.29 -14.68
CA VAL B 128 2.85 20.17 -13.81
C VAL B 128 1.79 21.20 -14.20
N ASN B 129 2.24 22.39 -14.55
CA ASN B 129 1.35 23.46 -14.98
C ASN B 129 0.56 23.06 -16.23
N TYR B 130 1.25 22.47 -17.19
CA TYR B 130 0.61 21.98 -18.40
C TYR B 130 -0.48 20.97 -18.03
N LEU B 131 -0.15 20.05 -17.13
CA LEU B 131 -1.10 19.04 -16.68
C LEU B 131 -2.32 19.67 -16.00
N HIS B 132 -2.05 20.58 -15.07
CA HIS B 132 -3.11 21.21 -14.29
C HIS B 132 -4.05 22.06 -15.14
N THR B 133 -3.52 22.61 -16.22
CA THR B 133 -4.35 23.38 -17.15
C THR B 133 -5.41 22.48 -17.77
N LYS B 134 -5.03 21.24 -18.08
CA LYS B 134 -5.96 20.27 -18.62
C LYS B 134 -6.67 19.52 -17.49
N LYS B 135 -6.57 20.06 -16.28
CA LYS B 135 -7.24 19.47 -15.12
C LYS B 135 -6.71 18.09 -14.72
N ILE B 136 -5.52 17.75 -15.20
CA ILE B 136 -4.93 16.46 -14.86
C ILE B 136 -4.02 16.54 -13.63
N ALA B 137 -4.41 15.81 -12.58
CA ALA B 137 -3.56 15.68 -11.40
C ALA B 137 -2.66 14.46 -11.59
N HIS B 138 -1.37 14.63 -11.30
CA HIS B 138 -0.43 13.53 -11.44
C HIS B 138 -0.62 12.51 -10.32
N PHE B 139 -0.54 12.98 -9.07
CA PHE B 139 -0.83 12.16 -7.90
C PHE B 139 0.28 11.17 -7.53
N ASP B 140 1.41 11.24 -8.22
CA ASP B 140 2.54 10.37 -7.88
C ASP B 140 3.86 11.09 -8.10
N LEU B 141 3.85 12.39 -7.80
CA LEU B 141 5.06 13.19 -7.89
C LEU B 141 6.04 12.84 -6.80
N LYS B 142 7.15 12.21 -7.18
CA LYS B 142 8.19 11.82 -6.24
C LYS B 142 9.49 11.63 -7.01
N PRO B 143 10.63 11.73 -6.32
CA PRO B 143 11.95 11.66 -6.99
C PRO B 143 12.04 10.60 -8.09
N GLU B 144 11.69 9.35 -7.79
CA GLU B 144 11.85 8.27 -8.76
C GLU B 144 11.00 8.45 -10.02
N ASN B 145 10.04 9.36 -9.97
CA ASN B 145 9.26 9.69 -11.15
C ASN B 145 9.72 10.96 -11.85
N ILE B 146 10.84 11.51 -11.39
CA ILE B 146 11.47 12.67 -12.04
C ILE B 146 12.71 12.19 -12.78
N MET B 147 12.59 11.97 -14.08
CA MET B 147 13.68 11.40 -14.87
C MET B 147 14.39 12.46 -15.71
N LEU B 148 15.54 12.09 -16.26
CA LEU B 148 16.30 12.98 -17.13
C LEU B 148 16.44 12.38 -18.52
N LEU B 149 16.23 13.23 -19.53
CA LEU B 149 16.24 12.79 -20.91
C LEU B 149 17.63 12.37 -21.38
N ASP B 150 18.65 13.08 -20.92
CA ASP B 150 19.96 13.05 -21.54
C ASP B 150 21.11 12.65 -20.59
N LYS B 151 21.17 13.31 -19.44
CA LYS B 151 22.19 13.04 -18.42
C LYS B 151 23.57 13.59 -18.79
N ASN B 152 23.91 13.51 -20.08
CA ASN B 152 25.25 13.87 -20.54
C ASN B 152 25.34 15.29 -21.11
N ILE B 153 24.70 16.25 -20.46
CA ILE B 153 24.72 17.64 -20.92
C ILE B 153 24.78 18.63 -19.76
N PRO B 154 25.27 19.86 -20.03
CA PRO B 154 25.39 20.91 -19.02
C PRO B 154 24.15 21.01 -18.14
N ILE B 155 22.97 20.98 -18.75
CA ILE B 155 21.72 21.07 -18.01
C ILE B 155 20.69 20.07 -18.53
N PRO B 156 20.58 18.93 -17.84
CA PRO B 156 19.68 17.83 -18.22
C PRO B 156 18.21 18.26 -18.34
N HIS B 157 17.49 17.58 -19.23
N HIS B 157 17.50 17.62 -19.27
CA HIS B 157 16.09 17.85 -19.51
CA HIS B 157 16.08 17.89 -19.47
C HIS B 157 15.19 16.91 -18.70
C HIS B 157 15.24 16.93 -18.65
N ILE B 158 14.30 17.49 -17.89
CA ILE B 158 13.42 16.69 -17.04
C ILE B 158 12.19 16.16 -17.77
N LYS B 159 11.90 14.87 -17.56
CA LYS B 159 10.68 14.25 -18.05
C LYS B 159 9.93 13.62 -16.88
N LEU B 160 8.69 14.03 -16.67
CA LEU B 160 7.85 13.43 -15.63
C LEU B 160 7.22 12.14 -16.18
N ILE B 161 7.36 11.06 -15.43
CA ILE B 161 6.84 9.77 -15.87
C ILE B 161 5.81 9.21 -14.91
N ASP B 162 5.31 8.01 -15.23
CA ASP B 162 4.47 7.22 -14.33
C ASP B 162 3.12 7.86 -14.06
N PHE B 163 2.14 7.53 -14.92
CA PHE B 163 0.82 8.13 -14.82
C PHE B 163 -0.23 7.15 -14.34
N GLY B 164 0.21 6.13 -13.63
CA GLY B 164 -0.68 5.12 -13.10
C GLY B 164 -1.70 5.65 -12.11
N LEU B 165 -1.33 6.73 -11.42
CA LEU B 165 -2.21 7.30 -10.40
C LEU B 165 -2.84 8.61 -10.89
N ALA B 166 -2.47 9.00 -12.10
CA ALA B 166 -3.01 10.23 -12.67
C ALA B 166 -4.53 10.19 -12.77
N HIS B 167 -5.16 11.35 -12.58
CA HIS B 167 -6.61 11.42 -12.60
C HIS B 167 -7.09 12.78 -13.09
N GLU B 168 -8.14 12.78 -13.90
CA GLU B 168 -8.68 14.02 -14.45
C GLU B 168 -9.73 14.59 -13.50
N ILE B 169 -9.43 15.74 -12.91
CA ILE B 169 -10.32 16.36 -11.93
C ILE B 169 -11.57 16.96 -12.56
N GLU B 170 -12.72 16.33 -12.32
CA GLU B 170 -14.00 16.81 -12.80
C GLU B 170 -14.62 17.81 -11.83
N ASP B 171 -14.96 18.99 -12.33
CA ASP B 171 -15.66 19.99 -11.54
C ASP B 171 -16.96 19.41 -10.97
N GLY B 172 -17.11 19.49 -9.65
CA GLY B 172 -18.31 19.01 -9.00
C GLY B 172 -18.45 17.51 -8.93
N VAL B 173 -17.34 16.80 -9.13
CA VAL B 173 -17.33 15.35 -8.99
C VAL B 173 -16.24 14.90 -8.01
N GLU B 174 -16.64 14.74 -6.75
CA GLU B 174 -15.71 14.37 -5.70
C GLU B 174 -14.88 13.15 -6.06
N PHE B 175 -13.57 13.24 -5.85
CA PHE B 175 -12.68 12.12 -6.03
C PHE B 175 -11.89 11.85 -4.75
N LYS B 176 -12.03 10.64 -4.22
CA LYS B 176 -11.30 10.24 -3.02
C LYS B 176 -10.71 8.85 -3.21
N ASN B 177 -9.49 8.66 -2.72
CA ASN B 177 -8.81 7.38 -2.83
C ASN B 177 -7.55 7.38 -1.99
N ILE B 178 -7.07 6.20 -1.63
CA ILE B 178 -5.84 6.05 -0.87
C ILE B 178 -4.76 5.49 -1.78
N PHE B 179 -3.60 6.14 -1.79
CA PHE B 179 -2.54 5.77 -2.70
C PHE B 179 -1.27 6.59 -2.43
N GLY B 180 -0.23 6.31 -3.20
CA GLY B 180 0.98 7.11 -3.16
C GLY B 180 1.94 6.75 -2.04
N THR B 181 3.15 7.26 -2.14
CA THR B 181 4.19 7.02 -1.16
C THR B 181 4.03 8.00 0.01
N PRO B 182 3.94 7.45 1.23
CA PRO B 182 3.70 8.18 2.48
C PRO B 182 4.55 9.44 2.62
N GLU B 183 5.85 9.33 2.38
CA GLU B 183 6.77 10.46 2.50
C GLU B 183 6.31 11.67 1.67
N PHE B 184 5.57 11.42 0.59
CA PHE B 184 5.25 12.49 -0.35
C PHE B 184 3.76 12.85 -0.46
N VAL B 185 2.89 12.13 0.24
CA VAL B 185 1.45 12.38 0.14
C VAL B 185 0.98 13.58 0.95
N ALA B 186 -0.01 14.27 0.44
CA ALA B 186 -0.62 15.41 1.12
C ALA B 186 -1.55 14.97 2.26
N PRO B 187 -1.85 15.88 3.18
CA PRO B 187 -2.73 15.60 4.31
C PRO B 187 -4.12 15.12 3.89
N GLU B 188 -4.62 15.64 2.77
CA GLU B 188 -5.96 15.26 2.33
C GLU B 188 -6.00 13.80 1.87
N ILE B 189 -4.86 13.30 1.37
CA ILE B 189 -4.75 11.89 1.00
C ILE B 189 -4.73 11.02 2.25
N VAL B 190 -3.87 11.37 3.20
CA VAL B 190 -3.78 10.65 4.47
C VAL B 190 -5.13 10.63 5.19
N ASN B 191 -5.80 11.78 5.20
CA ASN B 191 -7.07 11.95 5.90
C ASN B 191 -8.27 11.41 5.14
N TYR B 192 -8.07 11.00 3.89
CA TYR B 192 -9.18 10.53 3.06
C TYR B 192 -10.21 11.63 2.94
N GLU B 193 -9.79 12.74 2.34
CA GLU B 193 -10.68 13.87 2.09
C GLU B 193 -10.69 14.17 0.59
N PRO B 194 -11.58 15.06 0.14
CA PRO B 194 -11.64 15.37 -1.30
C PRO B 194 -10.27 15.68 -1.91
N LEU B 195 -9.95 15.05 -3.04
CA LEU B 195 -8.67 15.25 -3.70
C LEU B 195 -8.81 16.09 -4.96
N GLY B 196 -7.79 16.89 -5.25
CA GLY B 196 -7.76 17.74 -6.42
C GLY B 196 -6.35 18.04 -6.90
N LEU B 197 -6.17 19.18 -7.54
CA LEU B 197 -4.87 19.55 -8.10
C LEU B 197 -3.89 19.98 -7.01
N GLU B 198 -4.39 20.19 -5.79
CA GLU B 198 -3.55 20.69 -4.72
C GLU B 198 -2.53 19.67 -4.22
N ALA B 199 -2.89 18.38 -4.27
CA ALA B 199 -1.99 17.34 -3.79
C ALA B 199 -0.64 17.42 -4.50
N ASP B 200 -0.68 17.60 -5.82
CA ASP B 200 0.52 17.78 -6.62
C ASP B 200 1.43 18.89 -6.07
N MET B 201 0.81 19.97 -5.59
CA MET B 201 1.57 21.11 -5.09
C MET B 201 2.27 20.77 -3.77
N TRP B 202 1.56 20.08 -2.87
CA TRP B 202 2.17 19.62 -1.64
C TRP B 202 3.40 18.77 -1.94
N SER B 203 3.26 17.83 -2.88
CA SER B 203 4.37 16.95 -3.25
C SER B 203 5.57 17.73 -3.75
N ILE B 204 5.32 18.79 -4.51
CA ILE B 204 6.40 19.64 -5.01
C ILE B 204 7.21 20.24 -3.86
N GLY B 205 6.50 20.71 -2.83
CA GLY B 205 7.13 21.25 -1.65
C GLY B 205 8.06 20.27 -0.95
N VAL B 206 7.58 19.04 -0.77
CA VAL B 206 8.39 17.99 -0.16
C VAL B 206 9.65 17.73 -0.99
N ILE B 207 9.47 17.59 -2.30
CA ILE B 207 10.59 17.31 -3.20
C ILE B 207 11.64 18.43 -3.16
N THR B 208 11.17 19.67 -3.03
CA THR B 208 12.07 20.82 -2.96
C THR B 208 12.84 20.80 -1.65
N TYR B 209 12.12 20.54 -0.56
CA TYR B 209 12.71 20.42 0.76
C TYR B 209 13.87 19.42 0.74
N ILE B 210 13.65 18.25 0.17
CA ILE B 210 14.68 17.24 0.08
C ILE B 210 15.85 17.71 -0.79
N LEU B 211 15.52 18.33 -1.92
CA LEU B 211 16.53 18.74 -2.88
C LEU B 211 17.54 19.73 -2.29
N LEU B 212 17.07 20.56 -1.36
CA LEU B 212 17.90 21.63 -0.81
C LEU B 212 18.70 21.21 0.43
N SER B 213 18.23 20.20 1.14
CA SER B 213 18.80 19.85 2.44
C SER B 213 19.27 18.40 2.54
N GLY B 214 18.74 17.53 1.67
CA GLY B 214 19.01 16.12 1.77
C GLY B 214 18.11 15.47 2.81
N ALA B 215 17.46 16.30 3.61
CA ALA B 215 16.55 15.83 4.64
C ALA B 215 15.11 15.78 4.12
N SER B 216 14.27 15.04 4.84
CA SER B 216 12.86 14.94 4.47
C SER B 216 11.99 15.50 5.59
N PRO B 217 11.04 16.37 5.24
CA PRO B 217 10.27 17.17 6.20
C PRO B 217 9.39 16.36 7.18
N PHE B 218 8.70 15.33 6.70
CA PHE B 218 7.72 14.62 7.54
C PHE B 218 8.10 13.18 7.84
N LEU B 219 9.19 12.72 7.25
CA LEU B 219 9.64 11.34 7.41
C LEU B 219 9.95 10.99 8.88
N GLY B 220 9.21 10.03 9.43
CA GLY B 220 9.45 9.57 10.78
C GLY B 220 10.21 8.26 10.79
N ASP B 221 10.37 7.68 11.98
CA ASP B 221 11.05 6.40 12.11
C ASP B 221 10.17 5.27 11.59
N THR B 222 8.86 5.50 11.61
CA THR B 222 7.90 4.53 11.10
C THR B 222 6.88 5.25 10.22
N LYS B 223 6.15 4.49 9.42
CA LYS B 223 5.11 5.07 8.58
C LYS B 223 4.07 5.79 9.43
N GLN B 224 3.70 5.19 10.56
CA GLN B 224 2.74 5.80 11.47
C GLN B 224 3.15 7.23 11.85
N GLU B 225 4.41 7.42 12.22
CA GLU B 225 4.90 8.74 12.61
C GLU B 225 4.86 9.70 11.42
N THR B 226 5.32 9.21 10.26
CA THR B 226 5.31 9.98 9.04
C THR B 226 3.91 10.51 8.73
N LEU B 227 2.91 9.62 8.83
CA LEU B 227 1.53 10.03 8.61
C LEU B 227 1.10 11.08 9.62
N ALA B 228 1.45 10.85 10.88
CA ALA B 228 1.12 11.80 11.95
C ALA B 228 1.79 13.16 11.72
N ASN B 229 3.05 13.13 11.30
CA ASN B 229 3.76 14.35 10.96
C ASN B 229 3.06 15.10 9.84
N ILE B 230 2.63 14.37 8.81
CA ILE B 230 1.96 15.00 7.67
C ILE B 230 0.66 15.70 8.06
N THR B 231 -0.22 14.98 8.75
CA THR B 231 -1.54 15.52 9.09
C THR B 231 -1.45 16.65 10.12
N ALA B 232 -0.41 16.62 10.93
CA ALA B 232 -0.15 17.69 11.89
C ALA B 232 0.67 18.80 11.24
N VAL B 233 1.12 18.57 10.01
CA VAL B 233 2.01 19.49 9.32
C VAL B 233 3.16 19.88 10.25
N SER B 234 3.81 18.89 10.83
CA SER B 234 4.89 19.15 11.77
C SER B 234 6.26 18.91 11.14
N TYR B 235 6.94 20.00 10.80
CA TYR B 235 8.29 19.92 10.23
C TYR B 235 9.07 21.17 10.64
N ASP B 236 10.35 21.23 10.25
CA ASP B 236 11.18 22.36 10.59
C ASP B 236 12.25 22.64 9.54
N PHE B 237 12.99 23.73 9.73
CA PHE B 237 14.20 23.96 8.94
C PHE B 237 15.42 23.81 9.83
N ASP B 238 15.74 22.56 10.17
CA ASP B 238 16.90 22.24 10.99
C ASP B 238 18.15 22.92 10.44
N GLU B 239 18.74 23.80 11.24
CA GLU B 239 19.93 24.56 10.85
C GLU B 239 21.06 23.65 10.40
N GLU B 240 21.11 22.45 10.97
CA GLU B 240 22.10 21.46 10.61
C GLU B 240 22.10 21.24 9.09
N PHE B 241 20.92 21.34 8.48
CA PHE B 241 20.76 21.05 7.06
C PHE B 241 20.34 22.24 6.22
N PHE B 242 19.77 23.26 6.86
CA PHE B 242 19.27 24.43 6.16
C PHE B 242 20.08 25.70 6.41
N SER B 243 21.33 25.54 6.83
CA SER B 243 22.16 26.71 7.18
C SER B 243 22.46 27.63 5.99
N GLN B 244 22.56 27.04 4.80
CA GLN B 244 22.91 27.81 3.60
C GLN B 244 21.69 28.19 2.77
N THR B 245 20.51 27.72 3.18
CA THR B 245 19.30 27.89 2.38
C THR B 245 18.79 29.33 2.42
N SER B 246 18.47 29.88 1.26
CA SER B 246 18.00 31.26 1.15
C SER B 246 16.61 31.38 1.77
N GLU B 247 16.30 32.56 2.30
CA GLU B 247 14.97 32.80 2.88
C GLU B 247 13.87 32.58 1.86
N LEU B 248 14.04 33.12 0.65
CA LEU B 248 13.03 32.97 -0.40
C LEU B 248 12.69 31.51 -0.66
N ALA B 249 13.71 30.66 -0.63
CA ALA B 249 13.52 29.23 -0.85
C ALA B 249 12.63 28.64 0.23
N LYS B 250 12.91 28.98 1.48
CA LYS B 250 12.13 28.48 2.59
C LYS B 250 10.70 29.02 2.56
N ASP B 251 10.54 30.26 2.07
CA ASP B 251 9.23 30.84 1.92
C ASP B 251 8.43 30.07 0.87
N PHE B 252 9.10 29.71 -0.21
CA PHE B 252 8.53 28.89 -1.28
C PHE B 252 7.99 27.57 -0.70
N ILE B 253 8.84 26.84 0.02
CA ILE B 253 8.45 25.57 0.62
C ILE B 253 7.32 25.76 1.64
N ARG B 254 7.47 26.80 2.47
CA ARG B 254 6.50 27.09 3.53
C ARG B 254 5.08 27.29 2.96
N LYS B 255 5.00 27.87 1.77
CA LYS B 255 3.71 28.15 1.15
C LYS B 255 3.14 26.93 0.42
N LEU B 256 3.97 25.90 0.22
CA LEU B 256 3.53 24.67 -0.40
C LEU B 256 3.08 23.63 0.63
N LEU B 257 3.82 23.54 1.73
CA LEU B 257 3.48 22.62 2.80
C LEU B 257 2.42 23.21 3.73
N VAL B 258 1.19 23.33 3.21
CA VAL B 258 0.10 23.91 3.95
C VAL B 258 -1.10 22.97 3.88
N LYS B 259 -1.73 22.70 5.03
CA LYS B 259 -2.81 21.72 5.07
C LYS B 259 -4.04 22.13 4.23
N GLU B 260 -4.55 23.34 4.48
CA GLU B 260 -5.76 23.78 3.81
C GLU B 260 -5.50 23.92 2.32
N THR B 261 -6.31 23.21 1.53
CA THR B 261 -6.10 23.13 0.08
C THR B 261 -6.33 24.46 -0.62
N ARG B 262 -7.07 25.36 0.01
CA ARG B 262 -7.36 26.66 -0.59
C ARG B 262 -6.26 27.69 -0.30
N LYS B 263 -5.48 27.46 0.76
CA LYS B 263 -4.38 28.34 1.11
C LYS B 263 -3.15 27.96 0.30
N ARG B 264 -2.97 26.67 0.09
CA ARG B 264 -1.81 26.15 -0.62
C ARG B 264 -1.60 26.87 -1.96
N LEU B 265 -0.34 27.10 -2.32
CA LEU B 265 -0.02 27.72 -3.61
C LEU B 265 -0.55 26.88 -4.76
N THR B 266 -1.14 27.53 -5.75
CA THR B 266 -1.49 26.85 -6.99
C THR B 266 -0.24 26.78 -7.85
N ILE B 267 -0.29 26.03 -8.95
CA ILE B 267 0.87 25.87 -9.80
C ILE B 267 1.29 27.21 -10.43
N GLN B 268 0.30 28.04 -10.79
CA GLN B 268 0.60 29.35 -11.34
C GLN B 268 1.24 30.27 -10.31
N GLU B 269 0.79 30.17 -9.06
CA GLU B 269 1.38 30.93 -7.98
C GLU B 269 2.80 30.44 -7.70
N ALA B 270 3.02 29.14 -7.86
CA ALA B 270 4.37 28.59 -7.70
C ALA B 270 5.31 29.10 -8.78
N LEU B 271 4.84 29.13 -10.02
CA LEU B 271 5.65 29.63 -11.13
C LEU B 271 5.95 31.12 -10.96
N ARG B 272 5.09 31.81 -10.22
CA ARG B 272 5.21 33.25 -10.02
C ARG B 272 5.98 33.63 -8.77
N HIS B 273 6.27 32.65 -7.91
CA HIS B 273 7.01 32.93 -6.69
C HIS B 273 8.39 33.48 -7.00
N PRO B 274 8.84 34.49 -6.24
CA PRO B 274 10.10 35.17 -6.51
C PRO B 274 11.31 34.23 -6.48
N TRP B 275 11.22 33.12 -5.76
CA TRP B 275 12.32 32.16 -5.75
C TRP B 275 12.50 31.51 -7.12
N ILE B 276 11.39 31.33 -7.84
CA ILE B 276 11.42 30.77 -9.18
C ILE B 276 11.63 31.87 -10.23
N THR B 277 10.91 32.97 -10.07
CA THR B 277 10.89 34.05 -11.04
C THR B 277 11.18 35.37 -10.35
N PRO B 278 12.48 35.66 -10.15
CA PRO B 278 12.94 36.86 -9.43
C PRO B 278 12.39 38.14 -10.05
N VAL B 279 12.12 39.14 -9.21
CA VAL B 279 11.56 40.40 -9.69
C VAL B 279 12.61 41.47 -9.95
N ASP B 280 13.86 41.19 -9.60
CA ASP B 280 14.94 42.15 -9.78
C ASP B 280 16.33 41.51 -9.69
N THR B 281 17.35 42.31 -9.99
CA THR B 281 18.74 41.85 -9.96
C THR B 281 19.10 41.37 -8.56
N GLN B 282 18.70 42.15 -7.55
CA GLN B 282 19.01 41.84 -6.16
C GLN B 282 18.58 40.43 -5.76
N GLN B 283 17.34 40.06 -6.08
CA GLN B 283 16.82 38.73 -5.77
C GLN B 283 17.61 37.62 -6.46
N ALA B 284 17.99 37.86 -7.71
CA ALA B 284 18.69 36.86 -8.51
C ALA B 284 20.07 36.55 -7.94
N MET B 285 20.76 37.58 -7.45
CA MET B 285 22.09 37.42 -6.88
C MET B 285 22.05 36.53 -5.63
N VAL B 286 21.10 36.81 -4.74
CA VAL B 286 20.95 36.04 -3.52
C VAL B 286 20.82 34.55 -3.86
N ARG B 287 20.07 34.26 -4.91
CA ARG B 287 19.89 32.89 -5.38
C ARG B 287 21.15 32.36 -6.03
N ARG B 288 21.90 33.24 -6.68
CA ARG B 288 23.12 32.86 -7.37
C ARG B 288 24.24 32.51 -6.39
N GLU B 289 24.22 33.15 -5.22
CA GLU B 289 25.26 32.96 -4.21
C GLU B 289 24.82 31.94 -3.16
N SER B 290 23.57 31.50 -3.26
CA SER B 290 23.05 30.50 -2.34
C SER B 290 23.52 29.11 -2.75
N VAL B 291 24.46 28.57 -1.99
CA VAL B 291 25.01 27.25 -2.27
C VAL B 291 24.24 26.19 -1.50
N VAL B 292 23.91 25.10 -2.18
CA VAL B 292 23.27 23.97 -1.53
C VAL B 292 24.29 22.88 -1.18
N ASN B 293 24.40 22.57 0.10
CA ASN B 293 25.33 21.53 0.53
C ASN B 293 24.82 20.17 0.09
N LEU B 294 25.62 19.47 -0.72
CA LEU B 294 25.25 18.17 -1.25
C LEU B 294 25.59 17.05 -0.28
N GLU B 295 26.33 17.37 0.77
CA GLU B 295 26.80 16.36 1.72
C GLU B 295 25.68 15.46 2.23
N ASN B 296 24.69 16.06 2.90
CA ASN B 296 23.58 15.31 3.46
C ASN B 296 22.78 14.61 2.37
N PHE B 297 22.59 15.29 1.25
CA PHE B 297 21.85 14.73 0.13
C PHE B 297 22.48 13.42 -0.37
N LYS B 298 23.80 13.41 -0.49
CA LYS B 298 24.52 12.22 -0.94
C LYS B 298 24.41 11.09 0.06
N LYS B 299 24.53 11.43 1.34
CA LYS B 299 24.41 10.43 2.41
C LYS B 299 23.06 9.73 2.29
N GLN B 300 22.05 10.49 1.91
CA GLN B 300 20.69 9.97 1.85
C GLN B 300 20.38 9.23 0.55
N TYR B 301 21.08 9.57 -0.53
CA TYR B 301 20.70 9.08 -1.86
C TYR B 301 21.80 8.43 -2.69
N VAL B 302 22.77 7.80 -2.03
CA VAL B 302 23.80 7.05 -2.75
C VAL B 302 23.72 5.55 -2.45
#